data_2VPT
#
_entry.id   2VPT
#
_cell.length_a   77.977
_cell.length_b   77.977
_cell.length_c   66.800
_cell.angle_alpha   90.00
_cell.angle_beta   90.00
_cell.angle_gamma   120.00
#
_symmetry.space_group_name_H-M   'P 31 2 1'
#
loop_
_entity.id
_entity.type
_entity.pdbx_description
1 polymer 'LIPOLYTIC ENZYME'
2 non-polymer 'CALCIUM ION'
3 water water
#
_entity_poly.entity_id   1
_entity_poly.type   'polypeptide(L)'
_entity_poly.pdbx_seq_one_letter_code
;(MSE)ASKTIKI(MSE)PVGDSCTEG(MSE)GGGE(MSE)GSYRTELYRLLTQAGLSIDFVGSQRSGPSSLPDKDHEGHS
GWTIPQIASNINNWLNTHNPDVVFLWIGGNDLLLNGNLNATGLSNLIDQIFTVKPNVTLFVADYYPWPEAIKQYNAVIPG
IVQQKANAGKKVYFVKLSEIQFDRNTDISWDGLHLSEIGYKKIANIWYKYTIDILRALAGETQLEHHHHHH
;
_entity_poly.pdbx_strand_id   A
#
loop_
_chem_comp.id
_chem_comp.type
_chem_comp.name
_chem_comp.formula
CA non-polymer 'CALCIUM ION' 'Ca 2'
#
# COMPACT_ATOMS: atom_id res chain seq x y z
N LYS A 4 -10.08 12.73 15.34
CA LYS A 4 -10.11 13.19 13.94
C LYS A 4 -10.22 11.97 13.02
N THR A 5 -11.14 12.02 12.05
CA THR A 5 -11.17 11.03 10.97
C THR A 5 -9.94 11.22 10.10
N ILE A 6 -9.23 10.12 9.87
CA ILE A 6 -8.02 10.10 9.03
CA ILE A 6 -8.03 10.14 9.01
C ILE A 6 -8.38 9.54 7.65
N LYS A 7 -8.15 10.32 6.61
CA LYS A 7 -8.34 9.87 5.22
C LYS A 7 -7.05 9.22 4.74
N ILE A 8 -7.15 7.95 4.36
CA ILE A 8 -6.02 7.16 3.92
C ILE A 8 -6.29 6.69 2.50
N MSE A 9 -5.35 6.96 1.58
CA MSE A 9 -5.49 6.52 0.21
C MSE A 9 -4.55 5.35 -0.06
O MSE A 9 -3.33 5.54 -0.14
CB MSE A 9 -5.16 7.65 -0.76
CG MSE A 9 -5.44 7.26 -2.21
SE MSE A 9 -4.95 8.62 -3.46
CE MSE A 9 -5.95 9.22 -3.30
N PRO A 10 -5.11 4.14 -0.21
CA PRO A 10 -4.27 3.01 -0.63
C PRO A 10 -3.97 3.09 -2.12
N VAL A 11 -2.70 3.21 -2.48
CA VAL A 11 -2.28 3.37 -3.87
C VAL A 11 -1.41 2.16 -4.22
N GLY A 12 -1.73 1.45 -5.29
CA GLY A 12 -0.89 0.34 -5.67
C GLY A 12 -1.37 -0.37 -6.91
N ASP A 13 -0.96 -1.63 -6.99
CA ASP A 13 -1.19 -2.50 -8.13
C ASP A 13 -2.21 -3.59 -7.77
N SER A 14 -2.10 -4.78 -8.32
CA SER A 14 -3.10 -5.80 -8.02
C SER A 14 -3.06 -6.24 -6.56
N CYS A 15 -1.94 -6.00 -5.88
CA CYS A 15 -1.85 -6.35 -4.46
C CYS A 15 -2.65 -5.42 -3.57
N THR A 16 -2.95 -4.21 -4.07
CA THR A 16 -3.83 -3.26 -3.39
C THR A 16 -5.27 -3.36 -3.86
N GLU A 17 -5.48 -3.59 -5.15
CA GLU A 17 -6.82 -3.83 -5.66
C GLU A 17 -7.38 -5.13 -5.09
N GLY A 18 -6.50 -6.13 -4.94
CA GLY A 18 -6.84 -7.36 -4.22
C GLY A 18 -7.08 -8.60 -5.04
N MSE A 19 -6.34 -8.77 -6.13
CA MSE A 19 -6.43 -10.03 -6.85
C MSE A 19 -5.98 -11.16 -5.92
O MSE A 19 -5.29 -10.94 -4.93
CB MSE A 19 -5.58 -10.00 -8.12
CG MSE A 19 -6.11 -9.08 -9.17
SE MSE A 19 -5.25 -9.31 -10.89
CE MSE A 19 -6.57 -8.56 -12.03
N GLY A 20 -6.41 -12.38 -6.23
CA GLY A 20 -6.17 -13.53 -5.37
C GLY A 20 -7.40 -13.80 -4.53
N GLY A 21 -7.16 -14.13 -3.27
CA GLY A 21 -8.27 -14.41 -2.35
C GLY A 21 -8.75 -13.15 -1.66
N GLY A 22 -9.99 -13.20 -1.17
CA GLY A 22 -10.55 -12.12 -0.39
C GLY A 22 -11.52 -11.17 -1.07
N GLU A 23 -12.02 -11.55 -2.25
CA GLU A 23 -13.09 -10.78 -2.93
C GLU A 23 -12.69 -9.33 -3.18
N MSE A 24 -11.45 -9.15 -3.62
CA MSE A 24 -10.95 -7.83 -4.02
C MSE A 24 -10.94 -6.83 -2.88
O MSE A 24 -11.11 -5.63 -3.06
CB MSE A 24 -11.70 -7.30 -5.25
CG MSE A 24 -11.86 -8.28 -6.40
SE MSE A 24 -10.22 -8.81 -7.30
CE MSE A 24 -9.71 -7.22 -7.42
N GLY A 25 -10.69 -7.35 -1.68
CA GLY A 25 -10.50 -6.52 -0.49
C GLY A 25 -9.04 -6.33 -0.10
N SER A 26 -8.11 -7.12 -0.66
CA SER A 26 -6.72 -6.95 -0.37
C SER A 26 -6.48 -6.98 1.14
N TYR A 27 -5.50 -6.21 1.60
CA TYR A 27 -5.25 -6.06 3.02
C TYR A 27 -6.22 -5.08 3.67
N ARG A 28 -7.04 -4.42 2.85
CA ARG A 28 -7.92 -3.36 3.35
C ARG A 28 -9.00 -3.90 4.29
N THR A 29 -9.50 -5.09 4.01
CA THR A 29 -10.56 -5.70 4.85
C THR A 29 -10.09 -5.84 6.29
N GLU A 30 -8.98 -6.54 6.48
CA GLU A 30 -8.47 -6.77 7.83
C GLU A 30 -7.88 -5.50 8.45
N LEU A 31 -7.20 -4.68 7.66
CA LEU A 31 -6.59 -3.50 8.25
C LEU A 31 -7.67 -2.52 8.73
N TYR A 32 -8.76 -2.39 7.99
CA TYR A 32 -9.85 -1.52 8.43
C TYR A 32 -10.38 -1.99 9.79
N ARG A 33 -10.50 -3.30 9.96
CA ARG A 33 -10.91 -3.87 11.24
CA ARG A 33 -10.92 -3.86 11.24
C ARG A 33 -9.93 -3.49 12.35
N LEU A 34 -8.64 -3.73 12.10
CA LEU A 34 -7.65 -3.52 13.15
C LEU A 34 -7.58 -2.07 13.57
N LEU A 35 -7.63 -1.15 12.60
CA LEU A 35 -7.54 0.26 12.90
C LEU A 35 -8.77 0.76 13.62
N THR A 36 -9.93 0.27 13.22
CA THR A 36 -11.18 0.61 13.90
C THR A 36 -11.18 0.07 15.33
N GLN A 37 -10.77 -1.18 15.50
CA GLN A 37 -10.65 -1.77 16.85
C GLN A 37 -9.70 -0.98 17.76
N ALA A 38 -8.67 -0.37 17.16
CA ALA A 38 -7.72 0.46 17.89
C ALA A 38 -8.29 1.80 18.30
N GLY A 39 -9.52 2.11 17.89
CA GLY A 39 -10.19 3.35 18.22
C GLY A 39 -10.05 4.49 17.26
N LEU A 40 -9.54 4.19 16.05
CA LEU A 40 -9.37 5.19 15.04
C LEU A 40 -10.60 5.27 14.15
N SER A 41 -10.87 6.46 13.67
CA SER A 41 -11.89 6.72 12.65
C SER A 41 -11.20 6.86 11.29
N ILE A 42 -11.36 5.84 10.46
CA ILE A 42 -10.65 5.73 9.18
C ILE A 42 -11.62 5.90 8.01
N ASP A 43 -11.23 6.73 7.06
CA ASP A 43 -11.91 6.86 5.78
C ASP A 43 -10.89 6.47 4.70
N PHE A 44 -11.03 5.27 4.14
CA PHE A 44 -10.26 4.93 2.96
C PHE A 44 -10.81 5.74 1.80
N VAL A 45 -9.92 6.37 1.04
CA VAL A 45 -10.33 7.18 -0.08
C VAL A 45 -9.67 6.76 -1.39
N GLY A 46 -10.36 7.06 -2.47
CA GLY A 46 -9.93 6.67 -3.82
C GLY A 46 -11.13 6.43 -4.69
N SER A 47 -10.97 6.44 -6.01
N SER A 47 -10.91 6.40 -6.01
CA SER A 47 -12.12 6.31 -6.88
CA SER A 47 -12.00 6.32 -6.98
C SER A 47 -12.50 4.85 -7.17
C SER A 47 -12.38 4.91 -7.37
N GLN A 48 -11.55 3.91 -7.02
CA GLN A 48 -11.89 2.49 -7.20
C GLN A 48 -12.78 2.07 -6.04
N ARG A 49 -13.57 1.02 -6.24
CA ARG A 49 -14.36 0.48 -5.13
CA ARG A 49 -14.38 0.49 -5.14
C ARG A 49 -14.52 -1.02 -5.32
N SER A 50 -13.98 -1.77 -4.35
CA SER A 50 -14.06 -3.21 -4.39
C SER A 50 -13.81 -3.79 -3.01
N GLY A 51 -14.35 -4.98 -2.78
CA GLY A 51 -14.15 -5.65 -1.53
C GLY A 51 -15.29 -6.58 -1.20
N PRO A 52 -15.11 -7.40 -0.16
CA PRO A 52 -16.20 -8.25 0.31
C PRO A 52 -17.26 -7.41 1.00
N SER A 53 -18.45 -8.00 1.17
N SER A 53 -18.46 -7.97 1.18
CA SER A 53 -19.53 -7.32 1.87
CA SER A 53 -19.51 -7.21 1.85
C SER A 53 -19.15 -6.86 3.27
C SER A 53 -19.13 -6.81 3.28
N SER A 54 -18.23 -7.58 3.90
CA SER A 54 -17.82 -7.30 5.27
C SER A 54 -17.00 -6.03 5.46
N LEU A 55 -16.37 -5.54 4.39
CA LEU A 55 -15.56 -4.34 4.48
C LEU A 55 -16.45 -3.11 4.32
N PRO A 56 -16.60 -2.29 5.37
CA PRO A 56 -17.52 -1.15 5.23
C PRO A 56 -17.09 -0.09 4.24
N ASP A 57 -15.79 0.10 4.10
CA ASP A 57 -15.23 1.17 3.31
C ASP A 57 -14.32 0.56 2.23
N LYS A 58 -14.85 0.50 1.02
CA LYS A 58 -14.26 -0.26 -0.07
C LYS A 58 -13.50 0.64 -1.07
N ASP A 59 -13.33 1.91 -0.73
CA ASP A 59 -12.67 2.85 -1.64
C ASP A 59 -11.15 2.66 -1.65
N HIS A 60 -10.54 2.82 -2.81
CA HIS A 60 -9.08 2.69 -2.90
C HIS A 60 -8.56 3.21 -4.23
N GLU A 61 -7.23 3.21 -4.38
CA GLU A 61 -6.57 3.51 -5.68
C GLU A 61 -5.56 2.41 -6.03
N GLY A 62 -6.01 1.17 -5.90
CA GLY A 62 -5.28 0.01 -6.38
C GLY A 62 -5.69 -0.30 -7.80
N HIS A 63 -4.70 -0.47 -8.68
CA HIS A 63 -4.92 -0.71 -10.10
C HIS A 63 -4.12 -1.93 -10.57
N SER A 64 -4.79 -3.06 -10.70
CA SER A 64 -4.16 -4.27 -11.19
C SER A 64 -3.47 -4.00 -12.52
N GLY A 65 -2.25 -4.47 -12.63
CA GLY A 65 -1.47 -4.35 -13.86
C GLY A 65 -0.60 -3.13 -13.94
N TRP A 66 -0.69 -2.20 -12.99
CA TRP A 66 -0.03 -0.91 -13.16
C TRP A 66 1.39 -0.86 -12.62
N THR A 67 2.17 -0.02 -13.28
CA THR A 67 3.57 0.23 -12.95
C THR A 67 3.71 1.62 -12.33
N ILE A 68 4.89 1.87 -11.79
CA ILE A 68 5.23 3.16 -11.22
C ILE A 68 4.90 4.35 -12.15
N PRO A 69 5.38 4.34 -13.41
CA PRO A 69 5.06 5.51 -14.25
C PRO A 69 3.58 5.70 -14.55
N GLN A 70 2.81 4.61 -14.56
CA GLN A 70 1.39 4.74 -14.76
C GLN A 70 0.71 5.39 -13.55
N ILE A 71 1.12 4.98 -12.36
CA ILE A 71 0.69 5.65 -11.14
C ILE A 71 1.10 7.13 -11.19
N ALA A 72 2.36 7.40 -11.53
CA ALA A 72 2.87 8.78 -11.52
C ALA A 72 2.10 9.68 -12.49
N SER A 73 1.67 9.09 -13.61
CA SER A 73 0.94 9.81 -14.63
C SER A 73 -0.41 10.35 -14.16
N ASN A 74 -0.98 9.73 -13.11
CA ASN A 74 -2.32 10.09 -12.66
C ASN A 74 -2.45 10.52 -11.20
N ILE A 75 -1.44 10.24 -10.37
CA ILE A 75 -1.61 10.41 -8.93
C ILE A 75 -1.83 11.86 -8.50
N ASN A 76 -1.35 12.84 -9.28
CA ASN A 76 -1.59 14.24 -8.91
C ASN A 76 -3.08 14.52 -8.87
N ASN A 77 -3.79 13.95 -9.84
CA ASN A 77 -5.25 14.10 -9.88
C ASN A 77 -5.94 13.40 -8.73
N TRP A 78 -5.49 12.19 -8.41
CA TRP A 78 -6.08 11.43 -7.31
C TRP A 78 -5.87 12.17 -5.99
N LEU A 79 -4.66 12.67 -5.76
CA LEU A 79 -4.37 13.43 -4.55
C LEU A 79 -5.23 14.68 -4.43
N ASN A 80 -5.39 15.41 -5.54
CA ASN A 80 -6.19 16.63 -5.51
C ASN A 80 -7.67 16.31 -5.31
N THR A 81 -8.14 15.22 -5.91
CA THR A 81 -9.55 14.84 -5.80
C THR A 81 -9.90 14.37 -4.39
N HIS A 82 -9.03 13.55 -3.79
CA HIS A 82 -9.37 12.88 -2.53
C HIS A 82 -8.73 13.49 -1.29
N ASN A 83 -7.70 14.31 -1.49
CA ASN A 83 -7.02 15.03 -0.41
C ASN A 83 -6.77 14.17 0.83
N PRO A 84 -6.07 13.05 0.66
CA PRO A 84 -5.83 12.18 1.80
C PRO A 84 -4.86 12.78 2.81
N ASP A 85 -5.00 12.38 4.07
CA ASP A 85 -4.03 12.70 5.11
C ASP A 85 -2.80 11.79 5.03
N VAL A 86 -3.01 10.56 4.57
CA VAL A 86 -2.02 9.51 4.56
C VAL A 86 -2.16 8.75 3.24
N VAL A 87 -1.03 8.37 2.66
CA VAL A 87 -0.99 7.51 1.49
C VAL A 87 -0.25 6.22 1.86
N PHE A 88 -0.84 5.08 1.50
CA PHE A 88 -0.22 3.79 1.64
C PHE A 88 0.20 3.37 0.23
N LEU A 89 1.49 3.49 -0.08
CA LEU A 89 1.99 3.24 -1.43
C LEU A 89 2.65 1.87 -1.50
N TRP A 90 2.23 1.04 -2.44
CA TRP A 90 2.75 -0.30 -2.60
C TRP A 90 2.82 -0.56 -4.10
N ILE A 91 4.01 -0.36 -4.67
CA ILE A 91 4.13 -0.31 -6.13
C ILE A 91 5.53 -0.68 -6.60
N GLY A 92 5.61 -1.16 -7.84
CA GLY A 92 6.89 -1.40 -8.53
C GLY A 92 7.14 -2.83 -8.91
N GLY A 93 6.34 -3.76 -8.40
CA GLY A 93 6.48 -5.14 -8.76
C GLY A 93 6.27 -5.35 -10.24
N ASN A 94 5.33 -4.63 -10.82
CA ASN A 94 5.04 -4.79 -12.24
C ASN A 94 6.16 -4.19 -13.09
N ASP A 95 6.79 -3.11 -12.62
CA ASP A 95 7.97 -2.58 -13.35
C ASP A 95 8.99 -3.70 -13.54
N LEU A 96 9.25 -4.46 -12.50
CA LEU A 96 10.19 -5.58 -12.59
C LEU A 96 9.66 -6.71 -13.45
N LEU A 97 8.48 -7.21 -13.11
CA LEU A 97 7.98 -8.46 -13.66
C LEU A 97 7.39 -8.27 -15.06
N LEU A 98 6.82 -7.11 -15.35
CA LEU A 98 6.22 -6.83 -16.67
C LEU A 98 7.15 -6.04 -17.58
N ASN A 99 7.94 -5.13 -17.01
CA ASN A 99 8.77 -4.23 -17.80
C ASN A 99 10.27 -4.55 -17.76
N GLY A 100 10.69 -5.55 -17.00
CA GLY A 100 12.13 -5.85 -16.84
C GLY A 100 12.97 -4.67 -16.36
N ASN A 101 12.43 -3.87 -15.43
CA ASN A 101 13.01 -2.59 -14.94
C ASN A 101 12.84 -2.92 -13.44
N LEU A 102 13.86 -3.18 -12.63
CA LEU A 102 14.19 -2.49 -11.34
CA LEU A 102 14.17 -2.50 -11.34
C LEU A 102 14.10 -0.98 -11.15
N ASN A 103 12.89 -0.48 -10.88
CA ASN A 103 12.65 0.94 -10.99
C ASN A 103 12.85 1.72 -9.70
N ALA A 104 14.07 1.64 -9.20
CA ALA A 104 14.49 2.42 -8.06
C ALA A 104 14.32 3.92 -8.31
N THR A 105 14.78 4.40 -9.47
CA THR A 105 14.66 5.82 -9.76
C THR A 105 13.21 6.28 -9.88
N GLY A 106 12.37 5.45 -10.49
CA GLY A 106 10.96 5.75 -10.62
C GLY A 106 10.27 5.85 -9.27
N LEU A 107 10.60 4.94 -8.36
CA LEU A 107 10.01 4.98 -7.01
C LEU A 107 10.44 6.25 -6.27
N SER A 108 11.74 6.57 -6.33
CA SER A 108 12.28 7.75 -5.68
C SER A 108 11.59 9.00 -6.20
N ASN A 109 11.44 9.08 -7.52
CA ASN A 109 10.79 10.23 -8.14
C ASN A 109 9.31 10.33 -7.79
N LEU A 110 8.64 9.18 -7.72
CA LEU A 110 7.23 9.15 -7.34
C LEU A 110 7.01 9.65 -5.91
N ILE A 111 7.88 9.25 -4.99
CA ILE A 111 7.82 9.75 -3.61
C ILE A 111 7.96 11.27 -3.61
N ASP A 112 8.94 11.78 -4.33
CA ASP A 112 9.15 13.23 -4.41
C ASP A 112 7.93 13.92 -4.98
N GLN A 113 7.36 13.33 -6.02
CA GLN A 113 6.18 13.89 -6.68
C GLN A 113 4.99 14.01 -5.74
N ILE A 114 4.76 12.97 -4.95
CA ILE A 114 3.66 12.98 -3.98
C ILE A 114 3.79 14.17 -3.01
N PHE A 115 4.98 14.38 -2.45
CA PHE A 115 5.18 15.51 -1.53
C PHE A 115 5.13 16.88 -2.22
N THR A 116 5.48 16.92 -3.50
CA THR A 116 5.38 18.17 -4.26
C THR A 116 3.92 18.61 -4.36
N VAL A 117 3.02 17.66 -4.63
CA VAL A 117 1.60 17.96 -4.75
C VAL A 117 0.92 18.13 -3.40
N LYS A 118 1.29 17.32 -2.41
CA LYS A 118 0.71 17.39 -1.05
C LYS A 118 1.79 17.41 0.01
N PRO A 119 2.41 18.59 0.23
CA PRO A 119 3.55 18.71 1.13
C PRO A 119 3.32 18.25 2.57
N ASN A 120 2.07 18.26 3.04
CA ASN A 120 1.76 17.89 4.41
C ASN A 120 1.29 16.45 4.60
N VAL A 121 1.31 15.67 3.53
CA VAL A 121 0.87 14.28 3.59
C VAL A 121 1.88 13.43 4.36
N THR A 122 1.39 12.34 4.95
CA THR A 122 2.22 11.31 5.52
C THR A 122 2.19 10.13 4.57
N LEU A 123 3.37 9.63 4.23
CA LEU A 123 3.52 8.58 3.22
C LEU A 123 4.18 7.34 3.79
N PHE A 124 3.55 6.19 3.55
CA PHE A 124 4.09 4.88 3.84
C PHE A 124 4.40 4.18 2.54
N VAL A 125 5.58 3.58 2.46
CA VAL A 125 6.04 2.87 1.26
C VAL A 125 6.36 1.44 1.66
N ALA A 126 5.72 0.48 0.99
CA ALA A 126 5.88 -0.94 1.28
C ALA A 126 6.78 -1.67 0.27
N ASP A 127 7.49 -2.68 0.75
CA ASP A 127 8.03 -3.72 -0.13
C ASP A 127 7.03 -4.88 -0.26
N TYR A 128 7.42 -5.96 -0.93
CA TYR A 128 6.54 -7.08 -1.25
C TYR A 128 6.83 -8.32 -0.41
N TYR A 129 5.80 -9.12 -0.20
CA TYR A 129 6.00 -10.49 0.26
C TYR A 129 6.91 -11.18 -0.77
N PRO A 130 7.72 -12.14 -0.34
CA PRO A 130 8.78 -12.68 -1.21
C PRO A 130 8.32 -13.74 -2.22
N TRP A 131 7.39 -13.36 -3.10
CA TRP A 131 6.85 -14.27 -4.11
C TRP A 131 6.36 -13.45 -5.29
N PRO A 132 6.82 -13.78 -6.53
CA PRO A 132 7.83 -14.77 -6.86
C PRO A 132 9.19 -14.37 -6.30
N GLU A 133 10.11 -15.34 -6.20
CA GLU A 133 11.44 -15.12 -5.66
C GLU A 133 12.12 -13.88 -6.26
N ALA A 134 11.89 -13.64 -7.55
CA ALA A 134 12.50 -12.53 -8.27
C ALA A 134 12.21 -11.16 -7.63
N ILE A 135 11.08 -11.03 -6.94
CA ILE A 135 10.72 -9.73 -6.36
C ILE A 135 11.70 -9.28 -5.28
N LYS A 136 12.43 -10.22 -4.68
CA LYS A 136 13.39 -9.87 -3.63
C LYS A 136 14.45 -8.87 -4.13
N GLN A 137 14.77 -8.92 -5.42
CA GLN A 137 15.73 -8.00 -5.98
C GLN A 137 15.26 -6.56 -5.91
N TYR A 138 13.96 -6.35 -6.11
CA TYR A 138 13.34 -5.04 -5.98
C TYR A 138 13.17 -4.66 -4.50
N ASN A 139 12.72 -5.61 -3.69
CA ASN A 139 12.59 -5.34 -2.24
C ASN A 139 13.88 -4.76 -1.69
N ALA A 140 15.03 -5.29 -2.12
CA ALA A 140 16.32 -4.87 -1.59
C ALA A 140 16.56 -3.38 -1.69
N VAL A 141 16.08 -2.74 -2.75
CA VAL A 141 16.38 -1.31 -2.97
C VAL A 141 15.49 -0.34 -2.19
N ILE A 142 14.35 -0.80 -1.70
CA ILE A 142 13.35 0.12 -1.17
C ILE A 142 13.74 0.78 0.17
N PRO A 143 14.24 -0.01 1.15
CA PRO A 143 14.57 0.65 2.43
C PRO A 143 15.54 1.82 2.33
N GLY A 144 16.55 1.70 1.46
CA GLY A 144 17.52 2.78 1.31
C GLY A 144 16.94 4.02 0.67
N ILE A 145 16.03 3.84 -0.28
CA ILE A 145 15.36 4.97 -0.91
C ILE A 145 14.53 5.71 0.13
N VAL A 146 13.76 4.96 0.92
CA VAL A 146 12.91 5.60 1.93
C VAL A 146 13.78 6.32 2.97
N GLN A 147 14.85 5.66 3.42
CA GLN A 147 15.69 6.24 4.48
C GLN A 147 16.35 7.55 4.07
N GLN A 148 16.80 7.63 2.81
CA GLN A 148 17.37 8.85 2.21
C GLN A 148 16.40 10.05 2.33
N LYS A 149 15.13 9.80 2.05
CA LYS A 149 14.12 10.87 2.07
C LYS A 149 13.78 11.24 3.50
N ALA A 150 13.68 10.23 4.36
CA ALA A 150 13.38 10.45 5.79
C ALA A 150 14.48 11.25 6.47
N ASN A 151 15.73 10.92 6.17
CA ASN A 151 16.88 11.66 6.73
C ASN A 151 16.85 13.14 6.34
N ALA A 152 16.27 13.45 5.20
CA ALA A 152 16.12 14.84 4.72
C ALA A 152 14.96 15.60 5.37
N GLY A 153 14.13 14.90 6.13
CA GLY A 153 13.04 15.54 6.86
C GLY A 153 11.65 15.22 6.32
N LYS A 154 11.56 14.36 5.31
CA LYS A 154 10.25 13.97 4.75
C LYS A 154 9.54 12.96 5.65
N LYS A 155 8.23 13.14 5.76
CA LYS A 155 7.39 12.23 6.52
C LYS A 155 7.05 10.99 5.68
N VAL A 156 8.07 10.18 5.43
CA VAL A 156 7.95 8.91 4.68
C VAL A 156 8.52 7.78 5.51
N TYR A 157 7.82 6.65 5.54
CA TYR A 157 8.11 5.54 6.43
C TYR A 157 8.01 4.24 5.67
N PHE A 158 8.92 3.32 5.97
CA PHE A 158 9.00 2.03 5.30
C PHE A 158 8.12 1.01 6.02
N VAL A 159 7.38 0.24 5.24
CA VAL A 159 6.56 -0.84 5.74
C VAL A 159 7.13 -2.15 5.18
N LYS A 160 7.76 -2.92 6.05
CA LYS A 160 8.46 -4.12 5.63
C LYS A 160 7.53 -5.32 5.51
N LEU A 161 6.68 -5.31 4.49
CA LEU A 161 5.81 -6.45 4.22
C LEU A 161 6.60 -7.74 3.98
N SER A 162 7.85 -7.61 3.53
CA SER A 162 8.69 -8.78 3.31
C SER A 162 9.07 -9.55 4.58
N GLU A 163 8.78 -8.98 5.75
CA GLU A 163 9.01 -9.68 7.02
C GLU A 163 7.92 -10.72 7.32
N ILE A 164 6.89 -10.77 6.48
CA ILE A 164 5.88 -11.82 6.55
C ILE A 164 6.51 -13.19 6.78
N GLN A 165 5.90 -13.95 7.70
CA GLN A 165 6.23 -15.35 7.91
C GLN A 165 5.59 -16.12 6.76
N PHE A 166 6.30 -16.20 5.65
CA PHE A 166 5.71 -16.63 4.39
C PHE A 166 5.60 -18.15 4.28
N ASP A 167 4.41 -18.62 3.97
CA ASP A 167 4.15 -20.03 3.74
C ASP A 167 3.33 -20.14 2.46
N ARG A 168 3.98 -20.60 1.40
CA ARG A 168 3.34 -20.73 0.10
C ARG A 168 2.10 -21.62 0.11
N ASN A 169 2.05 -22.57 1.04
CA ASN A 169 0.90 -23.47 1.16
C ASN A 169 -0.33 -22.86 1.86
N THR A 170 -0.19 -21.70 2.49
CA THR A 170 -1.33 -20.99 3.08
C THR A 170 -1.56 -19.59 2.50
N ASP A 171 -0.48 -18.94 2.10
CA ASP A 171 -0.52 -17.49 1.83
C ASP A 171 -0.72 -17.10 0.38
N ILE A 172 -0.64 -18.06 -0.52
CA ILE A 172 -0.81 -17.82 -1.96
C ILE A 172 -2.13 -18.40 -2.45
N SER A 173 -2.83 -17.61 -3.26
CA SER A 173 -4.14 -17.99 -3.76
C SER A 173 -4.07 -19.06 -4.85
N TRP A 174 -5.25 -19.49 -5.28
CA TRP A 174 -5.39 -20.44 -6.38
C TRP A 174 -4.68 -20.02 -7.69
N ASP A 175 -4.44 -18.72 -7.91
CA ASP A 175 -3.76 -18.29 -9.13
C ASP A 175 -2.23 -18.45 -9.10
N GLY A 176 -1.69 -18.87 -7.95
CA GLY A 176 -0.28 -19.16 -7.82
C GLY A 176 0.64 -17.97 -7.71
N LEU A 177 0.08 -16.76 -7.65
CA LEU A 177 0.89 -15.53 -7.65
C LEU A 177 0.46 -14.54 -6.56
N HIS A 178 -0.83 -14.24 -6.52
CA HIS A 178 -1.39 -13.30 -5.57
C HIS A 178 -1.71 -13.97 -4.26
N LEU A 179 -1.79 -13.14 -3.23
CA LEU A 179 -2.07 -13.63 -1.88
C LEU A 179 -3.47 -14.22 -1.73
N SER A 180 -3.57 -15.20 -0.84
CA SER A 180 -4.84 -15.70 -0.35
C SER A 180 -5.44 -14.76 0.68
N GLU A 181 -6.65 -15.06 1.15
CA GLU A 181 -7.24 -14.29 2.22
C GLU A 181 -6.36 -14.31 3.48
N ILE A 182 -5.80 -15.46 3.80
CA ILE A 182 -4.87 -15.59 4.92
C ILE A 182 -3.62 -14.74 4.70
N GLY A 183 -3.07 -14.77 3.49
CA GLY A 183 -1.90 -13.97 3.17
C GLY A 183 -2.18 -12.49 3.33
N TYR A 184 -3.34 -12.03 2.85
CA TYR A 184 -3.70 -10.64 3.01
C TYR A 184 -3.88 -10.23 4.47
N LYS A 185 -4.38 -11.15 5.30
CA LYS A 185 -4.49 -10.88 6.73
C LYS A 185 -3.12 -10.69 7.37
N LYS A 186 -2.17 -11.54 7.01
CA LYS A 186 -0.80 -11.35 7.49
C LYS A 186 -0.24 -9.99 7.07
N ILE A 187 -0.48 -9.61 5.81
CA ILE A 187 -0.02 -8.33 5.31
C ILE A 187 -0.67 -7.17 6.07
N ALA A 188 -1.98 -7.26 6.30
CA ALA A 188 -2.69 -6.26 7.10
C ALA A 188 -2.05 -6.05 8.48
N ASN A 189 -1.67 -7.16 9.10
CA ASN A 189 -1.03 -7.08 10.42
C ASN A 189 0.30 -6.36 10.40
N ILE A 190 1.05 -6.47 9.30
CA ILE A 190 2.31 -5.77 9.16
C ILE A 190 2.07 -4.28 8.88
N TRP A 191 1.12 -3.94 8.01
CA TRP A 191 0.75 -2.54 7.89
C TRP A 191 0.40 -1.95 9.26
N TYR A 192 -0.41 -2.66 10.04
CA TYR A 192 -0.79 -2.18 11.36
C TYR A 192 0.44 -1.91 12.21
N LYS A 193 1.32 -2.89 12.29
CA LYS A 193 2.56 -2.76 13.07
C LYS A 193 3.32 -1.48 12.76
N TYR A 194 3.48 -1.19 11.47
CA TYR A 194 4.31 -0.07 11.04
C TYR A 194 3.58 1.28 10.97
N THR A 195 2.24 1.26 11.02
CA THR A 195 1.48 2.51 10.90
C THR A 195 0.76 3.00 12.15
N ILE A 196 0.48 2.11 13.09
CA ILE A 196 -0.46 2.46 14.17
C ILE A 196 -0.01 3.65 15.02
N ASP A 197 1.25 3.69 15.39
CA ASP A 197 1.73 4.77 16.24
C ASP A 197 1.64 6.12 15.55
N ILE A 198 2.02 6.18 14.28
CA ILE A 198 1.93 7.41 13.53
C ILE A 198 0.47 7.83 13.33
N LEU A 199 -0.39 6.86 13.04
CA LEU A 199 -1.81 7.15 12.84
C LEU A 199 -2.47 7.67 14.11
N ARG A 200 -2.17 7.04 15.25
CA ARG A 200 -2.70 7.52 16.52
CA ARG A 200 -2.67 7.51 16.55
C ARG A 200 -2.24 8.95 16.80
N ALA A 201 -0.99 9.27 16.47
CA ALA A 201 -0.48 10.65 16.64
C ALA A 201 -1.22 11.64 15.75
N LEU A 202 -1.43 11.28 14.49
CA LEU A 202 -2.20 12.13 13.57
C LEU A 202 -3.63 12.35 14.04
N ALA A 203 -4.24 11.31 14.62
CA ALA A 203 -5.62 11.38 15.11
C ALA A 203 -5.72 12.20 16.40
N GLY A 204 -4.66 12.18 17.21
CA GLY A 204 -4.66 12.85 18.52
C GLY A 204 -4.19 14.29 18.43
CA CA B . -14.24 5.87 2.08
#